data_2HZH
#
_entry.id   2HZH
#
_cell.length_a   168.930
_cell.length_b   168.930
_cell.length_c   69.350
_cell.angle_alpha   90.00
_cell.angle_beta   90.00
_cell.angle_gamma   120.00
#
_symmetry.space_group_name_H-M   'P 3 2 1'
#
loop_
_entity.id
_entity.type
_entity.pdbx_description
1 polymer laccase
2 non-polymer 2-acetamido-2-deoxy-alpha-D-glucopyranose
3 non-polymer alpha-D-mannopyranose
4 non-polymer 2-acetamido-2-deoxy-beta-D-glucopyranose
5 non-polymer 'COPPER (II) ION'
6 water water
#
_entity_poly.entity_id   1
_entity_poly.type   'polypeptide(L)'
_entity_poly.pdbx_seq_one_letter_code
;AIGPSANLVVTNAAVAADGHSRDAVVVNGGTPGPLITGNKGDQFQLNVINNLTNFTMLKSTSVHWHGFFQKGTNWADGPA
FVNQCPIAAGSSFLYDFSTPIQAGTFWYHSHLSTQYCDGDRGPFVVYDPNDPSANLYDVDNLNTVITLTDWYHTAAQNGP
AKPGGADATLINGQGRGPSSPSADLAVISVTAGKRYRFRLVSNSCDPNYTFSIDGHQMTIIQVDSINVQPLVVLKIQIYA
AQRYSFILNANQAVNNYWIRANPNQGNVGFTNGINSAILRYSGAAATQPTTSQTSSVQPLDQTNLHPLTATAVPGSPVAG
GVNLAINQAFNFNGTNHFVDGASFVPPTVPVLSQIVSGAQSAADLLASGLVYSLPSDANIEISFPATSAAAGGPHPFHLH
GHAFAVVRSAGSTTYNYNDPIFRDTVSTGTPAANDNVTIRFKTNNPGPWFLHCHIDFHLEAGFAVVFAQDIPDVASANPT
PNAWSDLCPVYDAASSSSQ
;
_entity_poly.pdbx_strand_id   A
#
# COMPACT_ATOMS: atom_id res chain seq x y z
N ALA A 1 -16.33 7.74 -3.56
CA ALA A 1 -17.39 8.30 -4.44
C ALA A 1 -16.91 9.56 -5.16
N ILE A 2 -15.88 10.23 -4.64
CA ILE A 2 -15.41 11.45 -5.31
C ILE A 2 -14.79 11.09 -6.65
N GLY A 3 -15.50 11.48 -7.72
CA GLY A 3 -15.38 10.91 -9.08
C GLY A 3 -13.98 10.90 -9.62
N PRO A 4 -13.84 10.55 -10.91
CA PRO A 4 -12.52 10.49 -11.57
C PRO A 4 -11.74 11.81 -11.51
N SER A 5 -12.44 12.95 -11.60
CA SER A 5 -11.83 14.26 -11.45
C SER A 5 -12.28 14.88 -10.15
N ALA A 6 -11.32 15.25 -9.30
CA ALA A 6 -11.63 15.87 -8.03
C ALA A 6 -10.45 16.68 -7.49
N ASN A 7 -10.75 17.59 -6.58
CA ASN A 7 -9.73 18.31 -5.84
C ASN A 7 -9.44 17.57 -4.55
N LEU A 8 -8.16 17.47 -4.23
CA LEU A 8 -7.72 16.86 -2.99
C LEU A 8 -6.99 17.95 -2.21
N VAL A 9 -7.71 18.60 -1.30
CA VAL A 9 -7.12 19.68 -0.51
C VAL A 9 -6.50 19.08 0.74
N VAL A 10 -5.21 19.38 0.93
CA VAL A 10 -4.42 18.79 2.00
C VAL A 10 -4.11 19.88 3.01
N THR A 11 -4.53 19.66 4.25
CA THR A 11 -4.45 20.68 5.31
C THR A 11 -4.06 20.04 6.64
N ASN A 12 -3.71 20.86 7.62
CA ASN A 12 -3.50 20.41 9.01
C ASN A 12 -4.73 20.67 9.85
N ALA A 13 -5.04 19.76 10.76
CA ALA A 13 -6.21 19.87 11.62
C ALA A 13 -6.08 18.93 12.80
N ALA A 14 -6.81 19.21 13.88
CA ALA A 14 -6.89 18.28 15.01
C ALA A 14 -7.87 17.15 14.69
N VAL A 15 -7.53 15.94 15.10
CA VAL A 15 -8.41 14.79 14.87
C VAL A 15 -8.49 13.91 16.10
N ALA A 16 -9.68 13.36 16.33
CA ALA A 16 -9.94 12.53 17.50
C ALA A 16 -10.24 11.11 17.03
N ALA A 17 -9.43 10.63 16.09
CA ALA A 17 -9.53 9.29 15.52
C ALA A 17 -9.95 8.23 16.56
N ASP A 18 -9.27 8.20 17.71
CA ASP A 18 -9.50 7.19 18.75
C ASP A 18 -9.86 7.81 20.10
N GLY A 19 -10.46 9.00 20.07
CA GLY A 19 -10.84 9.71 21.28
C GLY A 19 -9.72 10.55 21.88
N HIS A 20 -8.51 10.38 21.36
CA HIS A 20 -7.35 11.21 21.70
C HIS A 20 -7.17 12.28 20.63
N SER A 21 -6.88 13.50 21.05
CA SER A 21 -6.77 14.61 20.12
C SER A 21 -5.31 14.94 19.81
N ARG A 22 -5.00 15.06 18.52
CA ARG A 22 -3.67 15.44 18.05
C ARG A 22 -3.75 16.09 16.66
N ASP A 23 -2.83 17.02 16.37
CA ASP A 23 -2.77 17.64 15.03
C ASP A 23 -2.24 16.63 14.00
N ALA A 24 -2.73 16.75 12.77
CA ALA A 24 -2.40 15.77 11.73
C ALA A 24 -2.56 16.34 10.33
N VAL A 25 -2.12 15.56 9.35
CA VAL A 25 -2.32 15.88 7.93
C VAL A 25 -3.61 15.21 7.48
N VAL A 26 -4.54 16.00 6.95
CA VAL A 26 -5.85 15.49 6.52
C VAL A 26 -6.13 15.84 5.07
N VAL A 27 -7.00 15.04 4.45
CA VAL A 27 -7.39 15.25 3.07
C VAL A 27 -8.87 15.60 3.11
N ASN A 28 -9.23 16.69 2.44
CA ASN A 28 -10.60 17.23 2.46
C ASN A 28 -11.25 17.19 3.84
N GLY A 29 -10.51 17.62 4.86
CA GLY A 29 -11.01 17.75 6.22
C GLY A 29 -10.88 16.53 7.14
N GLY A 30 -10.57 15.37 6.57
CA GLY A 30 -10.51 14.15 7.38
C GLY A 30 -9.43 13.15 7.04
N THR A 31 -9.14 12.29 8.02
CA THR A 31 -8.20 11.19 7.87
C THR A 31 -8.74 9.93 8.56
N PRO A 32 -8.62 8.77 7.87
CA PRO A 32 -8.11 8.64 6.51
C PRO A 32 -8.94 9.44 5.51
N GLY A 33 -8.32 9.78 4.38
CA GLY A 33 -8.95 10.64 3.38
C GLY A 33 -10.19 10.06 2.74
N PRO A 34 -10.87 10.86 1.91
CA PRO A 34 -12.05 10.39 1.20
C PRO A 34 -11.71 9.25 0.26
N LEU A 35 -12.68 8.37 0.01
CA LEU A 35 -12.53 7.29 -0.93
C LEU A 35 -12.64 7.81 -2.37
N ILE A 36 -11.61 7.52 -3.18
CA ILE A 36 -11.63 7.89 -4.60
C ILE A 36 -12.20 6.74 -5.43
N THR A 37 -13.14 7.05 -6.32
CA THR A 37 -13.70 6.01 -7.18
C THR A 37 -13.73 6.41 -8.65
N GLY A 38 -13.92 5.40 -9.51
CA GLY A 38 -14.06 5.59 -10.94
C GLY A 38 -14.25 4.24 -11.61
N ASN A 39 -14.43 4.23 -12.91
CA ASN A 39 -14.58 2.97 -13.63
C ASN A 39 -13.35 2.68 -14.47
N LYS A 40 -13.06 1.40 -14.63
CA LYS A 40 -12.03 0.93 -15.55
C LYS A 40 -12.15 1.70 -16.86
N GLY A 41 -11.04 2.27 -17.31
CA GLY A 41 -10.99 3.02 -18.56
C GLY A 41 -10.97 4.52 -18.37
N ASP A 42 -11.33 4.99 -17.17
CA ASP A 42 -11.43 6.42 -16.87
C ASP A 42 -10.08 7.11 -16.89
N GLN A 43 -10.12 8.42 -17.10
CA GLN A 43 -8.98 9.29 -16.91
C GLN A 43 -9.11 9.91 -15.52
N PHE A 44 -8.07 9.75 -14.71
CA PHE A 44 -8.10 10.29 -13.37
C PHE A 44 -7.31 11.59 -13.32
N GLN A 45 -8.00 12.64 -12.91
CA GLN A 45 -7.40 13.97 -12.80
C GLN A 45 -7.56 14.44 -11.36
N LEU A 46 -6.51 14.22 -10.57
CA LEU A 46 -6.58 14.49 -9.15
C LEU A 46 -5.70 15.69 -8.78
N ASN A 47 -6.36 16.82 -8.63
CA ASN A 47 -5.72 18.07 -8.28
C ASN A 47 -5.40 18.10 -6.78
N VAL A 48 -4.15 17.87 -6.45
CA VAL A 48 -3.70 17.92 -5.05
C VAL A 48 -3.34 19.34 -4.67
N ILE A 49 -4.09 19.92 -3.72
CA ILE A 49 -3.90 21.29 -3.28
C ILE A 49 -3.19 21.33 -1.92
N ASN A 50 -1.95 21.79 -1.95
CA ASN A 50 -1.11 21.79 -0.74
C ASN A 50 -1.34 23.04 0.11
N ASN A 51 -2.22 22.93 1.10
CA ASN A 51 -2.46 24.03 2.04
C ASN A 51 -1.97 23.71 3.45
N LEU A 52 -0.88 22.95 3.52
CA LEU A 52 -0.21 22.63 4.78
C LEU A 52 0.47 23.88 5.34
N THR A 53 0.56 23.95 6.67
CA THR A 53 1.18 25.09 7.35
C THR A 53 2.22 24.62 8.38
N ASN A 54 2.23 23.32 8.66
CA ASN A 54 2.97 22.74 9.76
C ASN A 54 4.24 22.01 9.33
N PHE A 55 5.40 22.53 9.74
CA PHE A 55 6.68 21.96 9.32
C PHE A 55 7.00 20.61 9.96
N THR A 56 6.48 20.38 11.17
CA THR A 56 6.81 19.18 11.93
C THR A 56 6.30 17.88 11.30
N MET A 57 5.27 18.01 10.46
CA MET A 57 4.73 16.88 9.70
C MET A 57 4.94 17.12 8.21
N LEU A 58 5.76 18.14 7.92
CA LEU A 58 6.18 18.52 6.56
C LEU A 58 5.13 19.33 5.81
N LYS A 59 5.54 20.51 5.33
CA LYS A 59 4.65 21.42 4.61
C LYS A 59 4.50 21.03 3.14
N SER A 60 5.47 20.29 2.63
CA SER A 60 5.47 19.86 1.24
C SER A 60 4.78 18.51 1.15
N THR A 61 4.33 18.14 -0.05
CA THR A 61 3.70 16.84 -0.21
C THR A 61 3.88 16.20 -1.58
N SER A 62 3.66 14.90 -1.63
CA SER A 62 3.68 14.15 -2.87
C SER A 62 2.83 12.91 -2.65
N VAL A 63 1.90 12.67 -3.57
CA VAL A 63 0.94 11.59 -3.41
C VAL A 63 1.22 10.45 -4.38
N HIS A 64 1.31 9.24 -3.83
CA HIS A 64 1.47 8.05 -4.66
C HIS A 64 0.16 7.30 -4.77
N TRP A 65 -0.13 6.78 -5.97
CA TRP A 65 -1.36 6.04 -6.22
C TRP A 65 -1.07 4.55 -6.27
N HIS A 66 -1.06 3.94 -5.09
CA HIS A 66 -0.60 2.56 -4.91
C HIS A 66 -1.37 1.50 -5.72
N GLY A 67 -0.64 0.81 -6.59
CA GLY A 67 -1.18 -0.27 -7.40
C GLY A 67 -1.32 0.08 -8.86
N PHE A 68 -1.41 1.38 -9.17
CA PHE A 68 -1.53 1.82 -10.56
C PHE A 68 -0.18 1.78 -11.29
N PHE A 69 -0.22 1.31 -12.54
CA PHE A 69 1.00 1.10 -13.30
C PHE A 69 1.66 2.39 -13.81
N GLN A 70 0.85 3.40 -14.06
CA GLN A 70 1.31 4.72 -14.55
C GLN A 70 2.10 4.64 -15.85
N LYS A 71 1.72 3.69 -16.71
CA LYS A 71 2.41 3.50 -17.98
C LYS A 71 2.26 4.74 -18.84
N GLY A 72 3.39 5.35 -19.19
CA GLY A 72 3.40 6.60 -19.93
C GLY A 72 3.24 7.82 -19.04
N THR A 73 2.97 7.59 -17.75
CA THR A 73 2.79 8.69 -16.79
C THR A 73 3.68 8.55 -15.54
N ASN A 74 4.89 8.06 -15.74
CA ASN A 74 5.85 7.87 -14.65
C ASN A 74 5.99 9.09 -13.74
N TRP A 75 5.92 10.28 -14.34
CA TRP A 75 6.00 11.55 -13.60
C TRP A 75 4.93 11.65 -12.51
N ALA A 76 3.81 10.99 -12.74
CA ALA A 76 2.68 11.02 -11.81
C ALA A 76 2.69 9.92 -10.73
N ASP A 77 3.83 9.21 -10.61
CA ASP A 77 3.89 8.01 -9.80
C ASP A 77 3.89 8.35 -8.31
N GLY A 78 4.75 9.28 -7.92
CA GLY A 78 4.55 10.06 -6.71
C GLY A 78 5.79 10.19 -5.88
N PRO A 79 6.57 9.12 -5.81
CA PRO A 79 7.70 9.04 -4.88
C PRO A 79 8.60 10.26 -4.96
N ALA A 80 8.84 10.92 -3.83
CA ALA A 80 9.63 12.14 -3.80
C ALA A 80 11.07 11.86 -4.20
N PHE A 81 11.59 12.70 -5.09
CA PHE A 81 12.98 12.63 -5.55
C PHE A 81 13.33 11.38 -6.38
N VAL A 82 12.30 10.69 -6.85
CA VAL A 82 12.47 9.57 -7.76
C VAL A 82 11.64 9.91 -9.00
N ASN A 83 10.40 10.30 -8.77
CA ASN A 83 9.48 10.61 -9.86
C ASN A 83 9.07 12.09 -9.92
N GLN A 84 9.29 12.82 -8.82
CA GLN A 84 8.99 14.26 -8.76
C GLN A 84 9.69 14.94 -7.58
N CYS A 85 9.79 16.26 -7.65
CA CYS A 85 10.04 17.04 -6.46
C CYS A 85 8.69 17.24 -5.75
N PRO A 86 8.71 17.37 -4.42
CA PRO A 86 7.48 17.59 -3.67
C PRO A 86 6.73 18.85 -4.11
N ILE A 87 5.40 18.80 -4.02
CA ILE A 87 4.56 19.97 -4.19
C ILE A 87 4.86 20.88 -3.01
N ALA A 88 5.02 22.17 -3.27
CA ALA A 88 5.34 23.10 -2.20
C ALA A 88 4.07 23.74 -1.65
N ALA A 89 4.09 24.09 -0.36
CA ALA A 89 2.92 24.69 0.30
C ALA A 89 2.44 25.95 -0.42
N GLY A 90 1.13 26.02 -0.66
CA GLY A 90 0.54 27.16 -1.36
C GLY A 90 0.30 26.89 -2.83
N SER A 91 1.13 26.03 -3.42
CA SER A 91 0.93 25.64 -4.81
C SER A 91 0.09 24.36 -4.88
N SER A 92 -0.47 24.09 -6.06
CA SER A 92 -1.19 22.84 -6.28
C SER A 92 -0.64 22.11 -7.51
N PHE A 93 -0.86 20.80 -7.58
CA PHE A 93 -0.33 20.00 -8.68
C PHE A 93 -1.32 18.95 -9.16
N LEU A 94 -1.52 18.89 -10.46
CA LEU A 94 -2.48 17.95 -11.04
C LEU A 94 -1.84 16.61 -11.41
N TYR A 95 -2.39 15.53 -10.87
CA TYR A 95 -1.98 14.19 -11.26
C TYR A 95 -2.99 13.68 -12.29
N ASP A 96 -2.51 13.48 -13.51
CA ASP A 96 -3.38 13.16 -14.64
C ASP A 96 -2.90 11.83 -15.22
N PHE A 97 -3.75 10.80 -15.15
CA PHE A 97 -3.41 9.48 -15.68
C PHE A 97 -4.63 8.64 -16.05
N SER A 98 -4.47 7.79 -17.06
CA SER A 98 -5.50 6.86 -17.51
C SER A 98 -5.31 5.48 -16.89
N THR A 99 -6.41 4.72 -16.79
CA THR A 99 -6.37 3.34 -16.31
C THR A 99 -7.13 2.44 -17.28
N PRO A 100 -6.51 2.12 -18.44
CA PRO A 100 -7.26 1.35 -19.43
C PRO A 100 -7.41 -0.14 -19.07
N ILE A 101 -6.44 -0.68 -18.32
CA ILE A 101 -6.24 -2.13 -18.21
C ILE A 101 -6.25 -2.67 -16.77
N GLN A 102 -6.56 -1.80 -15.81
CA GLN A 102 -6.58 -2.19 -14.40
C GLN A 102 -7.93 -1.92 -13.75
N ALA A 103 -8.30 -2.79 -12.81
CA ALA A 103 -9.51 -2.63 -12.00
C ALA A 103 -9.29 -3.36 -10.68
N GLY A 104 -9.80 -2.78 -9.60
CA GLY A 104 -9.71 -3.41 -8.30
C GLY A 104 -9.66 -2.44 -7.14
N THR A 105 -9.05 -2.88 -6.05
CA THR A 105 -8.90 -2.09 -4.84
C THR A 105 -7.48 -1.52 -4.80
N PHE A 106 -7.40 -0.23 -4.52
CA PHE A 106 -6.12 0.49 -4.50
C PHE A 106 -6.13 1.41 -3.28
N TRP A 107 -5.08 2.23 -3.15
CA TRP A 107 -5.11 3.34 -2.21
C TRP A 107 -4.15 4.46 -2.62
N TYR A 108 -4.15 5.54 -1.84
CA TYR A 108 -3.28 6.67 -2.12
C TYR A 108 -2.68 7.16 -0.83
N HIS A 109 -1.44 7.61 -0.89
CA HIS A 109 -0.77 8.09 0.30
C HIS A 109 0.42 8.95 -0.05
N SER A 110 0.74 9.86 0.85
CA SER A 110 1.93 10.67 0.69
C SER A 110 3.12 9.75 0.46
N HIS A 111 3.97 10.11 -0.49
CA HIS A 111 5.22 9.39 -0.71
C HIS A 111 6.40 10.33 -0.50
N LEU A 112 6.25 11.24 0.46
CA LEU A 112 7.34 12.06 0.95
C LEU A 112 7.66 11.66 2.38
N SER A 113 8.84 11.09 2.60
CA SER A 113 9.30 10.74 3.94
C SER A 113 8.26 9.87 4.67
N THR A 114 8.01 10.12 5.96
CA THR A 114 7.03 9.33 6.71
C THR A 114 5.67 10.05 6.86
N GLN A 115 5.40 11.00 5.96
CA GLN A 115 4.23 11.87 6.08
C GLN A 115 2.91 11.14 6.16
N TYR A 116 2.75 10.04 5.41
CA TYR A 116 1.45 9.37 5.36
C TYR A 116 1.03 8.78 6.69
N CYS A 117 2.01 8.44 7.53
CA CYS A 117 1.73 8.03 8.90
C CYS A 117 0.96 9.10 9.67
N ASP A 118 1.24 10.37 9.36
CA ASP A 118 0.55 11.47 10.01
C ASP A 118 -0.77 11.78 9.30
N GLY A 119 -1.10 11.00 8.28
CA GLY A 119 -2.47 10.64 7.99
C GLY A 119 -2.88 11.05 6.59
N ASP A 120 -1.91 11.41 5.77
CA ASP A 120 -2.12 11.52 4.33
C ASP A 120 -2.26 10.15 3.69
N ARG A 121 -3.41 9.52 3.90
CA ARG A 121 -3.66 8.18 3.39
C ARG A 121 -5.15 7.95 3.30
N GLY A 122 -5.57 7.25 2.24
CA GLY A 122 -6.99 6.91 2.02
C GLY A 122 -7.16 5.86 0.93
N PRO A 123 -8.37 5.27 0.83
CA PRO A 123 -8.63 4.22 -0.15
C PRO A 123 -9.00 4.77 -1.54
N PHE A 124 -8.94 3.90 -2.55
CA PHE A 124 -9.09 4.27 -3.96
C PHE A 124 -9.58 2.99 -4.65
N VAL A 125 -10.78 3.03 -5.21
CA VAL A 125 -11.34 1.84 -5.85
C VAL A 125 -11.76 2.13 -7.29
N VAL A 126 -11.33 1.27 -8.22
CA VAL A 126 -11.74 1.38 -9.61
C VAL A 126 -12.61 0.18 -9.97
N TYR A 127 -13.87 0.44 -10.26
CA TYR A 127 -14.82 -0.64 -10.52
C TYR A 127 -14.76 -1.16 -11.95
N ASP A 128 -15.03 -2.44 -12.12
CA ASP A 128 -15.07 -3.06 -13.43
C ASP A 128 -16.52 -3.32 -13.87
N PRO A 129 -17.03 -2.52 -14.83
CA PRO A 129 -18.38 -2.67 -15.38
C PRO A 129 -18.64 -4.07 -15.93
N ASN A 130 -17.58 -4.81 -16.23
CA ASN A 130 -17.67 -6.17 -16.76
C ASN A 130 -16.98 -7.17 -15.83
N ASP A 131 -16.96 -6.86 -14.53
CA ASP A 131 -16.24 -7.66 -13.55
C ASP A 131 -16.62 -9.14 -13.65
N PRO A 132 -15.64 -10.01 -13.85
CA PRO A 132 -15.87 -11.46 -13.98
C PRO A 132 -16.49 -12.08 -12.74
N SER A 133 -16.28 -11.46 -11.58
CA SER A 133 -16.80 -11.97 -10.32
C SER A 133 -18.10 -11.30 -9.87
N ALA A 134 -18.67 -10.45 -10.71
CA ALA A 134 -19.85 -9.66 -10.35
C ALA A 134 -21.04 -10.49 -9.86
N ASN A 135 -21.16 -11.72 -10.36
CA ASN A 135 -22.28 -12.60 -10.02
C ASN A 135 -22.13 -13.26 -8.64
N LEU A 136 -21.06 -12.94 -7.94
CA LEU A 136 -20.77 -13.55 -6.65
C LEU A 136 -21.20 -12.70 -5.44
N TYR A 137 -21.74 -11.51 -5.69
CA TYR A 137 -22.20 -10.61 -4.64
C TYR A 137 -23.30 -9.66 -5.12
N ASP A 138 -24.01 -9.09 -4.15
CA ASP A 138 -25.14 -8.21 -4.43
C ASP A 138 -24.77 -6.75 -4.20
N VAL A 139 -23.78 -6.52 -3.34
CA VAL A 139 -23.48 -5.18 -2.85
C VAL A 139 -21.98 -4.91 -2.91
N ASP A 140 -21.63 -3.77 -3.51
CA ASP A 140 -20.25 -3.33 -3.67
C ASP A 140 -20.30 -1.81 -3.82
N ASN A 141 -19.95 -1.10 -2.76
CA ASN A 141 -20.00 0.37 -2.78
C ASN A 141 -19.12 0.97 -1.69
N LEU A 142 -19.32 2.26 -1.44
CA LEU A 142 -18.52 2.98 -0.45
C LEU A 142 -18.50 2.23 0.89
N ASN A 143 -19.67 1.73 1.29
CA ASN A 143 -19.81 1.10 2.59
C ASN A 143 -19.23 -0.32 2.67
N THR A 144 -18.74 -0.85 1.55
CA THR A 144 -18.08 -2.15 1.57
C THR A 144 -16.56 -2.07 1.55
N VAL A 145 -15.99 -0.87 1.56
CA VAL A 145 -14.55 -0.75 1.69
C VAL A 145 -14.13 -0.64 3.16
N ILE A 146 -13.17 -1.48 3.56
CA ILE A 146 -12.67 -1.53 4.92
C ILE A 146 -11.19 -1.15 4.93
N THR A 147 -10.86 -0.03 5.57
CA THR A 147 -9.48 0.41 5.73
C THR A 147 -8.93 0.03 7.10
N LEU A 148 -7.64 -0.31 7.14
CA LEU A 148 -6.95 -0.53 8.41
C LEU A 148 -5.82 0.50 8.57
N THR A 149 -5.74 1.12 9.75
CA THR A 149 -4.76 2.16 10.02
C THR A 149 -4.10 1.95 11.37
N ASP A 150 -2.77 2.08 11.39
CA ASP A 150 -1.99 2.12 12.63
C ASP A 150 -1.85 3.58 13.06
N TRP A 151 -2.51 3.93 14.17
CA TRP A 151 -2.59 5.32 14.58
C TRP A 151 -1.71 5.65 15.77
N TYR A 152 -0.94 6.73 15.64
CA TYR A 152 0.04 7.11 16.65
C TYR A 152 -0.35 8.42 17.34
N HIS A 153 -0.24 8.45 18.67
CA HIS A 153 -0.50 9.67 19.45
C HIS A 153 0.61 10.72 19.32
N THR A 154 1.84 10.26 19.11
CA THR A 154 2.97 11.14 18.80
C THR A 154 3.23 11.16 17.28
N ALA A 155 3.45 12.35 16.74
CA ALA A 155 3.74 12.53 15.32
C ALA A 155 4.94 11.75 14.82
N ALA A 156 4.94 11.49 13.51
CA ALA A 156 5.97 10.67 12.86
C ALA A 156 7.39 11.18 13.14
N GLN A 157 7.64 12.46 12.88
CA GLN A 157 8.97 13.03 13.03
C GLN A 157 9.32 13.39 14.49
N ASN A 158 8.39 13.11 15.41
CA ASN A 158 8.56 13.38 16.85
C ASN A 158 8.88 12.15 17.72
N GLY A 159 8.38 10.98 17.33
CA GLY A 159 8.55 9.79 18.14
C GLY A 159 9.81 8.99 17.84
N PRO A 160 9.86 7.73 18.31
CA PRO A 160 11.03 6.87 18.04
C PRO A 160 11.13 6.54 16.55
N ALA A 161 12.36 6.34 16.07
CA ALA A 161 12.62 6.08 14.65
C ALA A 161 11.99 4.76 14.19
N LYS A 162 11.91 3.80 15.10
CA LYS A 162 11.25 2.52 14.86
C LYS A 162 10.24 2.25 15.98
N PRO A 163 9.03 2.84 15.86
CA PRO A 163 7.98 2.82 16.89
C PRO A 163 7.64 1.44 17.46
N GLY A 164 7.56 0.43 16.59
CA GLY A 164 7.25 -0.92 17.05
C GLY A 164 5.92 -0.99 17.78
N GLY A 165 4.85 -0.64 17.07
CA GLY A 165 3.51 -0.65 17.61
C GLY A 165 2.83 0.71 17.60
N ALA A 166 1.54 0.71 17.25
CA ALA A 166 0.72 1.91 17.31
C ALA A 166 -0.11 1.94 18.60
N ASP A 167 -0.64 3.13 18.91
CA ASP A 167 -1.50 3.30 20.08
C ASP A 167 -2.89 2.69 19.83
N ALA A 168 -3.43 2.96 18.66
CA ALA A 168 -4.72 2.39 18.26
C ALA A 168 -4.77 1.97 16.80
N THR A 169 -5.28 0.77 16.58
CA THR A 169 -5.72 0.33 15.26
C THR A 169 -7.02 1.05 14.94
N LEU A 170 -7.13 1.57 13.73
CA LEU A 170 -8.39 2.11 13.24
C LEU A 170 -8.96 1.21 12.15
N ILE A 171 -10.24 0.88 12.28
CA ILE A 171 -10.97 0.21 11.22
C ILE A 171 -11.97 1.25 10.73
N ASN A 172 -11.98 1.49 9.41
CA ASN A 172 -12.76 2.58 8.83
C ASN A 172 -12.66 3.93 9.56
N GLY A 173 -11.47 4.24 10.07
CA GLY A 173 -11.18 5.55 10.66
C GLY A 173 -11.45 5.68 12.15
N GLN A 174 -11.86 4.58 12.78
CA GLN A 174 -12.31 4.60 14.16
C GLN A 174 -11.78 3.37 14.87
N GLY A 175 -11.38 3.57 16.12
CA GLY A 175 -10.80 2.52 16.94
C GLY A 175 -10.56 3.00 18.36
N ARG A 176 -9.94 2.16 19.18
CA ARG A 176 -10.01 2.37 20.63
C ARG A 176 -8.70 2.26 21.42
N GLY A 177 -8.70 3.03 22.52
CA GLY A 177 -7.90 2.76 23.72
C GLY A 177 -6.41 2.84 23.58
N PRO A 178 -5.67 2.15 24.46
CA PRO A 178 -6.18 1.56 25.71
C PRO A 178 -6.30 2.58 26.86
N SER A 179 -6.09 3.86 26.55
CA SER A 179 -6.37 4.93 27.49
C SER A 179 -7.69 5.61 27.08
N SER A 180 -8.34 5.05 26.05
CA SER A 180 -9.67 5.52 25.66
C SER A 180 -10.62 4.38 25.16
N PRO A 181 -10.88 3.35 26.00
CA PRO A 181 -11.75 2.23 25.62
C PRO A 181 -13.25 2.54 25.52
N SER A 182 -13.62 3.81 25.50
CA SER A 182 -15.02 4.17 25.34
C SER A 182 -15.26 4.99 24.06
N ALA A 183 -14.24 5.08 23.20
CA ALA A 183 -14.37 5.80 21.92
C ALA A 183 -15.23 5.03 20.93
N ASP A 184 -15.79 5.74 19.95
CA ASP A 184 -16.67 5.14 18.96
C ASP A 184 -15.96 4.07 18.13
N LEU A 185 -16.66 2.96 17.92
CA LEU A 185 -16.17 1.90 17.06
C LEU A 185 -16.87 2.02 15.73
N ALA A 186 -16.20 1.57 14.67
CA ALA A 186 -16.82 1.52 13.35
C ALA A 186 -17.91 0.46 13.30
N VAL A 187 -19.02 0.79 12.65
CA VAL A 187 -20.11 -0.17 12.41
C VAL A 187 -20.22 -0.41 10.91
N ILE A 188 -20.24 -1.67 10.52
CA ILE A 188 -20.49 -2.06 9.14
C ILE A 188 -21.83 -2.80 9.05
N SER A 189 -22.72 -2.29 8.21
CA SER A 189 -24.07 -2.84 8.10
C SER A 189 -24.21 -3.94 7.05
N VAL A 190 -24.89 -5.02 7.41
CA VAL A 190 -25.27 -6.02 6.42
C VAL A 190 -26.74 -6.39 6.57
N THR A 191 -27.35 -6.80 5.47
CA THR A 191 -28.71 -7.29 5.48
C THR A 191 -28.67 -8.79 5.31
N ALA A 192 -29.27 -9.51 6.27
CA ALA A 192 -29.33 -10.98 6.22
C ALA A 192 -29.78 -11.47 4.84
N GLY A 193 -28.96 -12.31 4.22
CA GLY A 193 -29.30 -12.88 2.92
C GLY A 193 -28.56 -12.25 1.75
N LYS A 194 -28.00 -11.06 1.94
CA LYS A 194 -27.24 -10.40 0.88
C LYS A 194 -25.77 -10.81 0.92
N ARG A 195 -25.12 -10.72 -0.23
CA ARG A 195 -23.70 -11.00 -0.37
C ARG A 195 -22.95 -9.68 -0.65
N TYR A 196 -21.79 -9.52 0.00
CA TYR A 196 -21.04 -8.26 -0.04
C TYR A 196 -19.61 -8.44 -0.57
N ARG A 197 -19.19 -7.55 -1.46
CA ARG A 197 -17.79 -7.53 -1.84
C ARG A 197 -17.13 -6.54 -0.91
N PHE A 198 -16.55 -7.05 0.17
CA PHE A 198 -15.79 -6.21 1.07
C PHE A 198 -14.37 -6.02 0.54
N ARG A 199 -13.99 -4.76 0.35
CA ARG A 199 -12.66 -4.43 -0.16
C ARG A 199 -11.73 -3.98 0.97
N LEU A 200 -10.90 -4.91 1.44
CA LEU A 200 -10.00 -4.67 2.57
C LEU A 200 -8.63 -4.12 2.14
N VAL A 201 -8.29 -2.94 2.68
CA VAL A 201 -7.02 -2.27 2.38
C VAL A 201 -6.28 -2.00 3.67
N SER A 202 -5.01 -2.37 3.73
CA SER A 202 -4.16 -1.89 4.81
C SER A 202 -3.51 -0.56 4.43
N ASN A 203 -3.94 0.51 5.09
CA ASN A 203 -3.28 1.82 4.98
C ASN A 203 -2.11 1.94 5.97
N SER A 204 -1.60 0.81 6.44
CA SER A 204 -0.64 0.76 7.53
C SER A 204 0.76 1.26 7.18
N CYS A 205 1.35 2.01 8.13
CA CYS A 205 2.75 2.45 8.02
C CYS A 205 3.76 1.41 8.47
N ASP A 206 3.29 0.36 9.16
CA ASP A 206 4.18 -0.62 9.81
C ASP A 206 3.54 -2.00 10.07
N PRO A 207 2.62 -2.12 11.06
CA PRO A 207 2.22 -3.46 11.44
C PRO A 207 1.38 -4.22 10.40
N ASN A 208 1.36 -5.55 10.52
CA ASN A 208 0.41 -6.37 9.81
C ASN A 208 -0.71 -6.84 10.74
N TYR A 209 -1.85 -7.21 10.18
CA TYR A 209 -3.01 -7.59 10.97
C TYR A 209 -3.49 -8.98 10.61
N THR A 210 -3.85 -9.75 11.63
CA THR A 210 -4.66 -10.93 11.43
C THR A 210 -6.11 -10.48 11.49
N PHE A 211 -6.76 -10.47 10.33
CA PHE A 211 -8.12 -9.95 10.19
C PHE A 211 -9.12 -11.10 10.18
N SER A 212 -10.20 -10.95 10.93
CA SER A 212 -11.28 -11.93 10.96
C SER A 212 -12.61 -11.33 11.43
N ILE A 213 -13.69 -12.03 11.12
CA ILE A 213 -15.04 -11.65 11.48
C ILE A 213 -15.69 -12.85 12.17
N ASP A 214 -16.09 -12.67 13.44
CA ASP A 214 -16.71 -13.74 14.22
C ASP A 214 -17.90 -14.34 13.50
N GLY A 215 -17.97 -15.68 13.51
CA GLY A 215 -19.09 -16.43 12.95
C GLY A 215 -19.24 -16.46 11.44
N HIS A 216 -18.27 -15.90 10.71
CA HIS A 216 -18.34 -15.82 9.25
C HIS A 216 -17.07 -16.28 8.52
N GLN A 217 -17.26 -16.92 7.38
CA GLN A 217 -16.22 -17.26 6.40
C GLN A 217 -16.01 -16.07 5.46
N MET A 218 -14.91 -16.09 4.70
CA MET A 218 -14.60 -15.05 3.73
C MET A 218 -14.10 -15.69 2.43
N THR A 219 -14.64 -15.25 1.29
CA THR A 219 -14.20 -15.76 -0.03
C THR A 219 -13.37 -14.73 -0.80
N ILE A 220 -12.06 -14.94 -0.85
CA ILE A 220 -11.15 -14.02 -1.51
C ILE A 220 -11.29 -14.08 -3.04
N ILE A 221 -11.55 -12.93 -3.66
CA ILE A 221 -11.72 -12.84 -5.12
C ILE A 221 -10.71 -11.89 -5.77
N GLN A 222 -9.98 -11.14 -4.94
CA GLN A 222 -9.03 -10.16 -5.44
C GLN A 222 -7.85 -10.05 -4.48
N VAL A 223 -6.64 -10.08 -5.02
CA VAL A 223 -5.43 -9.79 -4.24
C VAL A 223 -4.60 -8.70 -4.91
N ASP A 224 -4.34 -7.63 -4.16
CA ASP A 224 -3.61 -6.47 -4.67
C ASP A 224 -4.05 -6.12 -6.10
N SER A 225 -5.36 -5.91 -6.28
CA SER A 225 -5.94 -5.51 -7.57
C SER A 225 -5.94 -6.59 -8.66
N ILE A 226 -5.50 -7.81 -8.32
CA ILE A 226 -5.48 -8.88 -9.30
C ILE A 226 -6.63 -9.84 -9.05
N ASN A 227 -7.49 -10.04 -10.05
CA ASN A 227 -8.58 -11.00 -9.94
C ASN A 227 -8.08 -12.40 -9.59
N VAL A 228 -8.74 -13.04 -8.64
CA VAL A 228 -8.24 -14.27 -8.00
C VAL A 228 -9.30 -15.35 -7.96
N GLN A 229 -8.89 -16.61 -8.12
CA GLN A 229 -9.77 -17.75 -7.90
C GLN A 229 -10.35 -17.73 -6.49
N PRO A 230 -11.69 -17.85 -6.38
CA PRO A 230 -12.40 -17.92 -5.10
C PRO A 230 -11.69 -18.84 -4.12
N LEU A 231 -11.28 -18.28 -2.99
CA LEU A 231 -10.63 -19.04 -1.95
C LEU A 231 -11.31 -18.73 -0.62
N VAL A 232 -11.87 -19.76 0.01
CA VAL A 232 -12.57 -19.64 1.27
C VAL A 232 -11.59 -19.68 2.44
N VAL A 233 -11.55 -18.58 3.18
CA VAL A 233 -10.68 -18.45 4.36
C VAL A 233 -11.53 -18.04 5.57
N LEU A 234 -10.95 -18.13 6.76
CA LEU A 234 -11.59 -17.58 7.95
C LEU A 234 -10.68 -16.63 8.75
N LYS A 235 -9.54 -16.31 8.17
CA LYS A 235 -8.50 -15.48 8.80
C LYS A 235 -7.65 -14.94 7.67
N ILE A 236 -7.46 -13.62 7.62
CA ILE A 236 -6.54 -13.04 6.64
C ILE A 236 -5.41 -12.29 7.36
N GLN A 237 -4.17 -12.71 7.12
CA GLN A 237 -3.06 -11.93 7.61
C GLN A 237 -2.65 -10.95 6.52
N ILE A 238 -2.91 -9.67 6.76
CA ILE A 238 -2.66 -8.64 5.75
C ILE A 238 -1.51 -7.70 6.17
N TYR A 239 -0.49 -7.62 5.31
CA TYR A 239 0.69 -6.80 5.56
C TYR A 239 0.49 -5.40 4.94
N ALA A 240 1.28 -4.44 5.42
CA ALA A 240 1.15 -3.04 4.99
C ALA A 240 1.00 -2.90 3.48
N ALA A 241 0.05 -2.05 3.09
CA ALA A 241 -0.23 -1.70 1.68
C ALA A 241 -0.98 -2.76 0.85
N GLN A 242 -1.15 -3.97 1.39
CA GLN A 242 -1.83 -5.06 0.67
C GLN A 242 -3.35 -4.84 0.55
N ARG A 243 -3.97 -5.51 -0.42
CA ARG A 243 -5.42 -5.49 -0.60
C ARG A 243 -6.01 -6.87 -0.86
N TYR A 244 -7.20 -7.08 -0.33
CA TYR A 244 -8.01 -8.25 -0.67
C TYR A 244 -9.47 -7.85 -0.81
N SER A 245 -10.12 -8.34 -1.85
CA SER A 245 -11.59 -8.39 -1.86
C SER A 245 -12.00 -9.77 -1.38
N PHE A 246 -12.86 -9.80 -0.39
CA PHE A 246 -13.50 -11.05 0.02
C PHE A 246 -15.01 -10.86 -0.01
N ILE A 247 -15.71 -11.95 -0.30
CA ILE A 247 -17.16 -11.95 -0.28
C ILE A 247 -17.62 -12.55 1.02
N LEU A 248 -18.42 -11.77 1.73
CA LEU A 248 -19.08 -12.22 2.93
C LEU A 248 -20.56 -12.42 2.59
N ASN A 249 -21.04 -13.64 2.83
CA ASN A 249 -22.47 -13.93 2.76
C ASN A 249 -23.08 -13.68 4.14
N ALA A 250 -24.04 -12.76 4.21
CA ALA A 250 -24.70 -12.44 5.46
C ALA A 250 -25.75 -13.52 5.78
N ASN A 251 -25.26 -14.70 6.13
CA ASN A 251 -26.13 -15.88 6.32
C ASN A 251 -26.22 -16.37 7.77
N GLN A 252 -25.85 -15.53 8.71
CA GLN A 252 -25.90 -15.89 10.12
C GLN A 252 -27.09 -15.20 10.78
N ALA A 253 -27.35 -15.53 12.04
CA ALA A 253 -28.45 -14.92 12.77
C ALA A 253 -28.30 -13.40 12.79
N VAL A 254 -29.43 -12.71 12.80
CA VAL A 254 -29.46 -11.26 12.94
C VAL A 254 -28.90 -10.93 14.32
N ASN A 255 -27.71 -10.34 14.35
CA ASN A 255 -26.99 -10.06 15.59
C ASN A 255 -25.85 -9.09 15.31
N ASN A 256 -25.05 -8.83 16.34
CA ASN A 256 -23.82 -8.06 16.24
C ASN A 256 -22.63 -9.00 16.31
N TYR A 257 -21.67 -8.81 15.41
CA TYR A 257 -20.48 -9.68 15.36
C TYR A 257 -19.21 -8.84 15.44
N TRP A 258 -18.22 -9.34 16.17
CA TRP A 258 -16.94 -8.63 16.30
C TRP A 258 -16.14 -8.77 15.02
N ILE A 259 -15.71 -7.64 14.49
CA ILE A 259 -14.72 -7.58 13.44
C ILE A 259 -13.40 -7.34 14.14
N ARG A 260 -12.43 -8.21 13.86
CA ARG A 260 -11.16 -8.22 14.57
C ARG A 260 -10.04 -7.96 13.58
N ALA A 261 -9.04 -7.22 14.04
CA ALA A 261 -7.85 -6.91 13.25
C ALA A 261 -6.67 -6.79 14.21
N ASN A 262 -6.02 -7.92 14.45
CA ASN A 262 -4.98 -8.03 15.49
C ASN A 262 -3.57 -7.72 14.99
N PRO A 263 -2.95 -6.63 15.50
CA PRO A 263 -1.62 -6.22 15.04
C PRO A 263 -0.57 -7.21 15.48
N ASN A 264 0.52 -7.33 14.73
CA ASN A 264 1.59 -8.24 15.11
C ASN A 264 2.38 -7.70 16.31
N GLN A 265 2.25 -6.40 16.54
CA GLN A 265 2.96 -5.71 17.61
C GLN A 265 2.18 -4.46 18.02
N GLY A 266 2.48 -3.94 19.20
CA GLY A 266 1.81 -2.75 19.75
C GLY A 266 0.89 -3.17 20.87
N ASN A 267 -0.38 -2.79 20.76
CA ASN A 267 -1.39 -3.24 21.70
C ASN A 267 -2.21 -4.38 21.09
N VAL A 268 -1.82 -5.61 21.43
CA VAL A 268 -2.43 -6.82 20.87
C VAL A 268 -3.70 -7.21 21.62
N GLY A 269 -4.41 -8.23 21.12
CA GLY A 269 -5.64 -8.72 21.73
C GLY A 269 -6.82 -7.79 21.54
N PHE A 270 -7.88 -8.04 22.32
CA PHE A 270 -9.15 -7.37 22.13
C PHE A 270 -9.81 -6.84 23.42
N THR A 271 -9.02 -6.69 24.48
CA THR A 271 -9.50 -6.15 25.75
C THR A 271 -10.16 -4.77 25.56
N ASN A 272 -11.43 -4.67 25.94
CA ASN A 272 -12.22 -3.43 25.83
C ASN A 272 -12.53 -2.97 24.40
N GLY A 273 -12.46 -3.91 23.46
CA GLY A 273 -12.80 -3.63 22.06
C GLY A 273 -11.76 -2.85 21.29
N ILE A 274 -10.50 -2.93 21.72
CA ILE A 274 -9.37 -2.44 20.92
C ILE A 274 -9.19 -3.38 19.74
N ASN A 275 -8.64 -2.87 18.64
CA ASN A 275 -8.44 -3.66 17.42
C ASN A 275 -9.74 -4.29 16.91
N SER A 276 -10.85 -3.58 17.12
CA SER A 276 -12.17 -4.14 16.87
C SER A 276 -13.09 -3.20 16.11
N ALA A 277 -14.08 -3.79 15.44
CA ALA A 277 -15.17 -3.06 14.80
C ALA A 277 -16.42 -3.93 14.86
N ILE A 278 -17.53 -3.44 14.34
CA ILE A 278 -18.80 -4.16 14.49
C ILE A 278 -19.45 -4.50 13.16
N LEU A 279 -19.78 -5.78 12.99
CA LEU A 279 -20.66 -6.20 11.91
C LEU A 279 -22.08 -6.30 12.45
N ARG A 280 -22.96 -5.42 11.95
CA ARG A 280 -24.32 -5.30 12.46
C ARG A 280 -25.38 -5.63 11.39
N TYR A 281 -26.07 -6.75 11.59
CA TYR A 281 -27.20 -7.11 10.73
C TYR A 281 -28.34 -6.11 10.93
N SER A 282 -29.00 -5.70 9.84
CA SER A 282 -30.17 -4.80 9.94
C SER A 282 -31.21 -5.43 10.86
N GLY A 283 -31.64 -4.66 11.86
CA GLY A 283 -32.61 -5.15 12.84
C GLY A 283 -32.04 -5.38 14.23
N ALA A 284 -30.75 -5.74 14.28
CA ALA A 284 -30.02 -5.93 15.54
C ALA A 284 -29.81 -4.61 16.29
N ALA A 285 -29.54 -4.70 17.59
CA ALA A 285 -29.45 -3.54 18.47
C ALA A 285 -28.12 -2.78 18.33
N ALA A 286 -28.17 -1.46 18.50
CA ALA A 286 -26.97 -0.63 18.46
C ALA A 286 -26.19 -0.76 19.75
N THR A 287 -25.59 -1.93 19.93
CA THR A 287 -24.77 -2.26 21.09
C THR A 287 -23.57 -3.04 20.58
N GLN A 288 -22.62 -3.33 21.47
CA GLN A 288 -21.43 -4.09 21.10
C GLN A 288 -21.74 -5.57 20.99
N PRO A 289 -21.04 -6.28 20.11
CA PRO A 289 -21.19 -7.74 20.04
C PRO A 289 -20.85 -8.43 21.35
N THR A 290 -21.39 -9.63 21.54
CA THR A 290 -20.99 -10.50 22.64
C THR A 290 -20.44 -11.81 22.10
N THR A 291 -20.16 -11.85 20.79
CA THR A 291 -19.59 -13.03 20.14
C THR A 291 -18.15 -13.28 20.64
N SER A 292 -17.74 -14.54 20.65
CA SER A 292 -16.38 -14.87 21.09
C SER A 292 -15.55 -15.45 19.94
N GLN A 293 -14.25 -15.21 20.00
CA GLN A 293 -13.34 -15.60 18.93
C GLN A 293 -13.13 -17.11 18.86
N THR A 294 -13.17 -17.67 17.66
CA THR A 294 -12.87 -19.09 17.49
C THR A 294 -11.55 -19.26 16.76
N SER A 295 -10.94 -20.43 16.90
CA SER A 295 -9.67 -20.72 16.24
C SER A 295 -9.81 -20.66 14.73
N SER A 296 -8.81 -20.05 14.10
CA SER A 296 -8.76 -19.99 12.65
C SER A 296 -8.35 -21.34 12.06
N VAL A 297 -9.34 -22.03 11.50
CA VAL A 297 -9.17 -23.36 10.94
C VAL A 297 -8.72 -23.35 9.46
N GLN A 298 -9.02 -22.25 8.76
CA GLN A 298 -8.67 -22.08 7.35
C GLN A 298 -7.99 -20.73 7.12
N PRO A 299 -6.80 -20.50 7.73
CA PRO A 299 -6.17 -19.19 7.54
C PRO A 299 -5.75 -18.97 6.09
N LEU A 300 -5.68 -17.71 5.66
CA LEU A 300 -5.16 -17.43 4.33
C LEU A 300 -3.70 -17.86 4.25
N ASP A 301 -3.42 -18.66 3.22
CA ASP A 301 -2.05 -18.97 2.83
C ASP A 301 -1.84 -18.50 1.39
N GLN A 302 -0.82 -17.66 1.19
CA GLN A 302 -0.55 -17.03 -0.11
C GLN A 302 -0.33 -18.02 -1.26
N THR A 303 0.18 -19.21 -0.94
CA THR A 303 0.43 -20.22 -1.99
C THR A 303 -0.86 -20.84 -2.51
N ASN A 304 -1.97 -20.60 -1.80
CA ASN A 304 -3.30 -21.02 -2.26
C ASN A 304 -4.00 -19.99 -3.13
N LEU A 305 -3.44 -18.80 -3.25
CA LEU A 305 -3.97 -17.79 -4.17
C LEU A 305 -3.46 -18.07 -5.58
N HIS A 306 -4.38 -18.05 -6.54
CA HIS A 306 -4.05 -18.25 -7.95
C HIS A 306 -4.89 -17.27 -8.74
N PRO A 307 -4.35 -16.71 -9.83
CA PRO A 307 -5.09 -15.73 -10.63
C PRO A 307 -6.33 -16.33 -11.27
N LEU A 308 -7.38 -15.50 -11.41
CA LEU A 308 -8.67 -15.98 -11.94
C LEU A 308 -8.56 -16.50 -13.37
N THR A 309 -7.92 -15.73 -14.24
CA THR A 309 -7.59 -16.20 -15.58
C THR A 309 -6.10 -16.55 -15.64
N ALA A 310 -5.78 -17.67 -16.26
CA ALA A 310 -4.40 -18.18 -16.29
C ALA A 310 -3.44 -17.09 -16.76
N THR A 311 -2.35 -16.90 -16.02
CA THR A 311 -1.42 -15.80 -16.32
C THR A 311 0.00 -16.31 -16.16
N ALA A 312 0.69 -16.36 -17.30
CA ALA A 312 2.00 -16.97 -17.40
C ALA A 312 3.03 -16.24 -16.57
N VAL A 313 3.89 -17.03 -15.92
CA VAL A 313 5.00 -16.49 -15.15
C VAL A 313 6.10 -16.11 -16.12
N PRO A 314 6.55 -14.84 -16.10
CA PRO A 314 7.69 -14.38 -16.89
C PRO A 314 8.84 -15.38 -16.83
N GLY A 315 9.54 -15.57 -17.95
CA GLY A 315 10.69 -16.46 -18.02
C GLY A 315 10.32 -17.92 -18.06
N SER A 316 11.20 -18.76 -17.53
CA SER A 316 11.05 -20.20 -17.65
C SER A 316 11.16 -20.93 -16.30
N PRO A 317 10.48 -22.09 -16.18
CA PRO A 317 10.27 -22.79 -14.91
C PRO A 317 11.52 -23.46 -14.33
N VAL A 318 12.55 -22.66 -14.11
CA VAL A 318 13.83 -23.10 -13.56
C VAL A 318 14.39 -21.91 -12.78
N ALA A 319 14.99 -22.17 -11.63
CA ALA A 319 15.66 -21.10 -10.88
C ALA A 319 16.57 -20.33 -11.82
N GLY A 320 16.55 -19.00 -11.71
CA GLY A 320 17.39 -18.15 -12.56
C GLY A 320 16.98 -18.10 -14.03
N GLY A 321 15.87 -18.74 -14.37
CA GLY A 321 15.38 -18.77 -15.74
C GLY A 321 14.74 -17.47 -16.22
N VAL A 322 15.57 -16.43 -16.31
CA VAL A 322 15.14 -15.08 -16.68
C VAL A 322 16.31 -14.37 -17.37
N ASN A 323 16.03 -13.22 -17.99
CA ASN A 323 17.08 -12.43 -18.62
C ASN A 323 18.03 -11.80 -17.61
N LEU A 324 17.49 -11.34 -16.48
CA LEU A 324 18.28 -10.71 -15.42
C LEU A 324 17.76 -11.10 -14.05
N ALA A 325 18.61 -11.74 -13.26
CA ALA A 325 18.26 -12.14 -11.90
C ALA A 325 19.09 -11.31 -10.91
N ILE A 326 18.43 -10.74 -9.92
CA ILE A 326 19.10 -9.91 -8.90
C ILE A 326 18.72 -10.37 -7.50
N ASN A 327 19.73 -10.59 -6.67
CA ASN A 327 19.52 -10.89 -5.26
C ASN A 327 19.62 -9.61 -4.42
N GLN A 328 18.72 -9.45 -3.46
CA GLN A 328 18.75 -8.29 -2.56
C GLN A 328 19.24 -8.69 -1.17
N ALA A 329 20.50 -8.37 -0.89
CA ALA A 329 21.10 -8.69 0.40
C ALA A 329 20.76 -7.60 1.40
N PHE A 330 19.95 -7.95 2.40
CA PHE A 330 19.52 -6.96 3.40
C PHE A 330 20.60 -6.74 4.45
N ASN A 331 20.62 -5.53 4.99
CA ASN A 331 21.47 -5.20 6.14
C ASN A 331 20.94 -4.02 6.94
N PHE A 332 21.43 -3.92 8.18
CA PHE A 332 21.03 -2.87 9.12
C PHE A 332 22.19 -2.60 10.07
N ASN A 333 22.48 -1.32 10.31
CA ASN A 333 23.62 -0.95 11.15
C ASN A 333 23.27 -0.11 12.39
N GLY A 334 22.08 -0.37 12.94
CA GLY A 334 21.61 0.34 14.13
C GLY A 334 20.64 1.46 13.84
N THR A 335 20.91 2.25 12.80
CA THR A 335 20.05 3.37 12.44
C THR A 335 19.69 3.41 10.95
N ASN A 336 20.40 2.64 10.13
CA ASN A 336 20.14 2.64 8.69
C ASN A 336 20.03 1.26 8.04
N HIS A 337 19.09 1.16 7.10
CA HIS A 337 18.87 -0.05 6.31
C HIS A 337 19.68 -0.04 5.01
N PHE A 338 20.21 -1.20 4.65
CA PHE A 338 21.05 -1.36 3.44
C PHE A 338 20.54 -2.49 2.55
N VAL A 339 20.44 -2.22 1.26
CA VAL A 339 20.23 -3.25 0.24
C VAL A 339 21.50 -3.36 -0.60
N ASP A 340 22.07 -4.56 -0.65
CA ASP A 340 23.32 -4.85 -1.37
C ASP A 340 24.44 -3.86 -1.05
N GLY A 341 24.56 -3.56 0.25
CA GLY A 341 25.60 -2.66 0.74
C GLY A 341 25.31 -1.17 0.55
N ALA A 342 24.12 -0.83 0.07
CA ALA A 342 23.76 0.58 -0.15
C ALA A 342 22.50 1.00 0.61
N SER A 343 22.54 2.18 1.20
CA SER A 343 21.39 2.74 1.91
C SER A 343 20.86 3.90 1.10
N PHE A 344 19.54 3.93 0.87
CA PHE A 344 18.95 4.91 -0.04
C PHE A 344 18.91 6.32 0.51
N VAL A 345 19.59 7.23 -0.18
CA VAL A 345 19.55 8.64 0.14
C VAL A 345 18.99 9.37 -1.08
N PRO A 346 17.80 9.98 -0.91
CA PRO A 346 17.14 10.67 -2.02
C PRO A 346 18.01 11.79 -2.59
N PRO A 347 18.12 11.84 -3.93
CA PRO A 347 18.94 12.86 -4.56
C PRO A 347 18.19 14.18 -4.72
N THR A 348 18.92 15.24 -5.01
CA THR A 348 18.33 16.55 -5.18
C THR A 348 17.55 16.64 -6.49
N VAL A 349 18.08 16.03 -7.54
CA VAL A 349 17.39 15.99 -8.82
C VAL A 349 16.67 14.64 -8.89
N PRO A 350 15.34 14.67 -9.05
CA PRO A 350 14.59 13.41 -9.14
C PRO A 350 15.17 12.52 -10.23
N VAL A 351 15.29 11.24 -9.91
CA VAL A 351 15.83 10.25 -10.85
C VAL A 351 15.21 10.41 -12.24
N LEU A 352 13.90 10.64 -12.32
CA LEU A 352 13.24 10.85 -13.61
C LEU A 352 13.91 11.95 -14.42
N SER A 353 14.10 13.12 -13.79
CA SER A 353 14.70 14.29 -14.45
C SER A 353 16.13 13.99 -14.89
N GLN A 354 16.84 13.18 -14.12
CA GLN A 354 18.20 12.76 -14.47
C GLN A 354 18.22 11.98 -15.80
N ILE A 355 17.30 11.02 -15.94
CA ILE A 355 17.16 10.23 -17.16
C ILE A 355 16.78 11.11 -18.37
N VAL A 356 15.80 12.01 -18.18
CA VAL A 356 15.34 12.85 -19.27
C VAL A 356 16.42 13.82 -19.72
N SER A 357 17.23 14.27 -18.77
CA SER A 357 18.35 15.16 -19.07
C SER A 357 19.58 14.37 -19.50
N GLY A 358 19.46 13.04 -19.48
CA GLY A 358 20.06 12.21 -20.50
C GLY A 358 21.12 11.27 -19.96
N ALA A 359 20.95 10.86 -18.70
CA ALA A 359 21.72 9.77 -18.14
C ALA A 359 21.50 8.48 -18.91
N GLN A 360 22.55 7.68 -19.04
CA GLN A 360 22.54 6.50 -19.93
C GLN A 360 22.60 5.15 -19.22
N SER A 361 23.21 5.13 -18.03
CA SER A 361 23.30 3.91 -17.25
C SER A 361 23.23 4.26 -15.76
N ALA A 362 23.38 3.24 -14.91
CA ALA A 362 23.32 3.43 -13.45
C ALA A 362 24.40 4.37 -12.93
N ALA A 363 25.55 4.37 -13.62
CA ALA A 363 26.71 5.16 -13.23
C ALA A 363 26.50 6.67 -13.39
N ASP A 364 25.58 7.04 -14.29
CA ASP A 364 25.21 8.45 -14.48
C ASP A 364 24.17 8.93 -13.47
N LEU A 365 23.71 8.03 -12.60
CA LEU A 365 22.54 8.30 -11.77
C LEU A 365 22.85 8.41 -10.27
N LEU A 366 22.39 9.49 -9.64
CA LEU A 366 22.76 9.80 -8.27
C LEU A 366 21.74 9.23 -7.29
N ALA A 367 22.14 9.10 -6.03
CA ALA A 367 21.90 7.87 -5.28
C ALA A 367 22.65 6.69 -5.90
N SER A 368 23.98 6.76 -5.87
CA SER A 368 24.82 5.76 -6.50
C SER A 368 24.91 4.48 -5.66
N GLY A 369 24.94 3.33 -6.33
CA GLY A 369 24.87 2.03 -5.65
C GLY A 369 23.44 1.61 -5.34
N LEU A 370 22.47 2.44 -5.74
CA LEU A 370 21.06 2.25 -5.40
C LEU A 370 20.14 2.15 -6.61
N VAL A 371 20.62 2.61 -7.76
CA VAL A 371 19.87 2.48 -9.02
C VAL A 371 20.38 1.29 -9.81
N TYR A 372 19.47 0.46 -10.29
CA TYR A 372 19.78 -0.69 -11.15
C TYR A 372 19.10 -0.44 -12.48
N SER A 373 19.84 -0.53 -13.59
CA SER A 373 19.19 -0.38 -14.87
C SER A 373 18.64 -1.72 -15.34
N LEU A 374 17.46 -1.69 -15.95
CA LEU A 374 16.85 -2.88 -16.48
C LEU A 374 16.65 -2.74 -17.98
N PRO A 375 16.91 -3.81 -18.74
CA PRO A 375 16.64 -3.79 -20.19
C PRO A 375 15.14 -3.89 -20.45
N SER A 376 14.69 -3.41 -21.60
CA SER A 376 13.28 -3.50 -21.95
C SER A 376 12.88 -4.91 -22.42
N ASP A 377 11.59 -5.20 -22.34
CA ASP A 377 11.01 -6.48 -22.82
C ASP A 377 11.72 -7.74 -22.34
N ALA A 378 12.19 -7.69 -21.09
CA ALA A 378 12.94 -8.76 -20.48
C ALA A 378 12.24 -9.33 -19.24
N ASN A 379 12.57 -10.57 -18.91
CA ASN A 379 12.09 -11.21 -17.70
C ASN A 379 13.07 -11.00 -16.56
N ILE A 380 12.55 -10.64 -15.38
CA ILE A 380 13.36 -10.27 -14.23
C ILE A 380 12.98 -11.13 -13.02
N GLU A 381 13.98 -11.61 -12.30
CA GLU A 381 13.77 -12.38 -11.07
C GLU A 381 14.41 -11.65 -9.89
N ILE A 382 13.61 -11.27 -8.91
CA ILE A 382 14.14 -10.69 -7.69
C ILE A 382 13.94 -11.67 -6.56
N SER A 383 14.96 -11.81 -5.73
CA SER A 383 14.86 -12.60 -4.51
C SER A 383 15.27 -11.77 -3.31
N PHE A 384 14.55 -11.95 -2.20
CA PHE A 384 14.74 -11.18 -0.96
C PHE A 384 14.99 -12.12 0.22
N PRO A 385 16.18 -12.75 0.29
CA PRO A 385 16.38 -13.77 1.33
C PRO A 385 16.29 -13.13 2.73
N ALA A 386 15.49 -13.73 3.59
CA ALA A 386 15.27 -13.19 4.93
C ALA A 386 16.50 -13.42 5.79
N THR A 387 16.84 -12.39 6.58
CA THR A 387 18.07 -12.42 7.37
C THR A 387 17.91 -11.66 8.68
N SER A 388 18.54 -12.20 9.73
CA SER A 388 18.58 -11.54 11.03
C SER A 388 19.35 -10.22 10.98
N ALA A 389 20.16 -10.06 9.93
CA ALA A 389 20.94 -8.83 9.71
C ALA A 389 20.07 -7.57 9.56
N ALA A 390 18.84 -7.74 9.08
CA ALA A 390 17.87 -6.66 9.07
C ALA A 390 16.76 -6.94 10.08
N ALA A 391 16.74 -6.14 11.14
CA ALA A 391 15.72 -6.27 12.18
C ALA A 391 14.37 -5.74 11.69
N GLY A 392 13.28 -6.38 12.14
CA GLY A 392 11.93 -5.89 11.87
C GLY A 392 11.11 -6.72 10.89
N GLY A 393 11.39 -8.02 10.83
CA GLY A 393 10.62 -8.96 10.01
C GLY A 393 9.20 -9.15 10.53
N PRO A 394 8.26 -9.53 9.64
CA PRO A 394 8.46 -9.69 8.19
C PRO A 394 8.37 -8.36 7.45
N HIS A 395 9.29 -8.16 6.52
CA HIS A 395 9.32 -6.93 5.73
C HIS A 395 8.46 -7.07 4.48
N PRO A 396 7.42 -6.22 4.35
CA PRO A 396 6.64 -6.27 3.12
C PRO A 396 7.26 -5.37 2.03
N PHE A 397 7.80 -5.99 0.99
CA PHE A 397 8.37 -5.25 -0.13
C PHE A 397 7.34 -4.96 -1.21
N HIS A 398 7.46 -3.77 -1.80
CA HIS A 398 6.52 -3.29 -2.81
C HIS A 398 7.27 -2.83 -4.06
N LEU A 399 6.78 -3.23 -5.23
CA LEU A 399 7.34 -2.76 -6.50
C LEU A 399 6.39 -1.78 -7.19
N HIS A 400 6.91 -0.60 -7.54
CA HIS A 400 6.14 0.37 -8.30
C HIS A 400 6.08 -0.02 -9.78
N GLY A 401 4.99 0.38 -10.45
CA GLY A 401 4.89 0.22 -11.91
C GLY A 401 4.57 -1.16 -12.44
N HIS A 402 4.57 -2.18 -11.57
CA HIS A 402 4.32 -3.56 -12.00
C HIS A 402 3.58 -4.35 -10.96
N ALA A 403 2.83 -5.34 -11.46
CA ALA A 403 2.43 -6.48 -10.65
C ALA A 403 3.47 -7.56 -10.91
N PHE A 404 3.75 -8.39 -9.92
CA PHE A 404 4.74 -9.45 -10.08
C PHE A 404 4.20 -10.81 -9.66
N ALA A 405 4.75 -11.87 -10.23
CA ALA A 405 4.41 -13.23 -9.83
C ALA A 405 5.24 -13.62 -8.61
N VAL A 406 4.55 -14.10 -7.57
CA VAL A 406 5.22 -14.58 -6.36
C VAL A 406 5.50 -16.07 -6.55
N VAL A 407 6.69 -16.38 -7.09
CA VAL A 407 7.04 -17.77 -7.38
C VAL A 407 7.41 -18.53 -6.11
N ARG A 408 7.78 -17.78 -5.06
CA ARG A 408 8.10 -18.37 -3.77
C ARG A 408 7.59 -17.46 -2.64
N SER A 409 6.62 -17.96 -1.90
CA SER A 409 6.04 -17.22 -0.78
C SER A 409 6.80 -17.46 0.52
N ALA A 410 6.66 -16.51 1.45
CA ALA A 410 7.06 -16.68 2.84
C ALA A 410 6.38 -17.90 3.49
N GLY A 411 7.14 -18.68 4.24
CA GLY A 411 6.60 -19.84 4.95
C GLY A 411 6.43 -21.05 4.05
N SER A 412 7.07 -21.01 2.88
CA SER A 412 7.00 -22.07 1.88
C SER A 412 8.40 -22.32 1.30
N THR A 413 8.69 -23.57 0.97
CA THR A 413 9.98 -23.90 0.35
C THR A 413 9.82 -24.22 -1.14
N THR A 414 8.59 -24.18 -1.63
CA THR A 414 8.35 -24.52 -3.03
C THR A 414 8.37 -23.32 -3.99
N TYR A 415 8.75 -23.61 -5.22
CA TYR A 415 8.81 -22.62 -6.27
C TYR A 415 7.71 -22.94 -7.29
N ASN A 416 6.81 -21.98 -7.50
CA ASN A 416 5.70 -22.17 -8.41
C ASN A 416 5.90 -21.29 -9.65
N TYR A 417 6.26 -21.91 -10.77
CA TYR A 417 6.43 -21.21 -12.05
C TYR A 417 5.22 -21.48 -12.95
N ASN A 418 4.24 -22.17 -12.37
CA ASN A 418 3.05 -22.55 -13.09
C ASN A 418 1.93 -21.51 -12.90
N ASP A 419 1.38 -21.42 -11.68
CA ASP A 419 0.23 -20.56 -11.46
C ASP A 419 0.20 -19.79 -10.13
N PRO A 420 1.34 -19.21 -9.71
CA PRO A 420 1.31 -18.45 -8.48
C PRO A 420 0.54 -17.15 -8.69
N ILE A 421 0.10 -16.55 -7.61
CA ILE A 421 -0.57 -15.27 -7.63
C ILE A 421 0.35 -14.17 -8.14
N PHE A 422 -0.24 -13.13 -8.74
CA PHE A 422 0.44 -11.90 -9.05
C PHE A 422 -0.05 -10.86 -8.05
N ARG A 423 0.83 -9.98 -7.60
CA ARG A 423 0.46 -8.88 -6.71
C ARG A 423 1.56 -7.80 -6.74
N ASP A 424 1.49 -6.82 -5.83
CA ASP A 424 2.49 -5.75 -5.83
C ASP A 424 3.15 -5.49 -4.46
N THR A 425 2.66 -6.16 -3.42
CA THR A 425 3.25 -6.11 -2.08
C THR A 425 3.36 -7.51 -1.53
N VAL A 426 4.57 -7.90 -1.13
CA VAL A 426 4.79 -9.28 -0.69
C VAL A 426 5.62 -9.34 0.59
N SER A 427 5.15 -10.15 1.54
CA SER A 427 5.91 -10.42 2.74
C SER A 427 7.16 -11.21 2.38
N THR A 428 8.31 -10.72 2.84
CA THR A 428 9.59 -11.41 2.64
C THR A 428 9.93 -12.38 3.78
N GLY A 429 8.95 -12.69 4.63
CA GLY A 429 9.10 -13.73 5.65
C GLY A 429 10.12 -13.49 6.76
N THR A 430 10.57 -14.58 7.37
CA THR A 430 11.44 -14.53 8.54
C THR A 430 12.74 -15.31 8.32
N PRO A 431 13.86 -14.84 8.93
CA PRO A 431 15.10 -15.61 8.85
C PRO A 431 14.96 -16.99 9.49
N ALA A 432 14.14 -17.09 10.54
CA ALA A 432 13.90 -18.36 11.24
C ALA A 432 13.28 -19.47 10.39
N ALA A 433 12.53 -19.09 9.35
CA ALA A 433 11.93 -20.08 8.46
C ALA A 433 12.81 -20.34 7.25
N ASN A 434 13.96 -19.68 7.21
CA ASN A 434 14.87 -19.76 6.06
C ASN A 434 14.21 -19.29 4.75
N ASP A 435 13.34 -18.29 4.85
CA ASP A 435 12.62 -17.80 3.68
C ASP A 435 13.52 -17.19 2.61
N ASN A 436 13.16 -17.44 1.35
CA ASN A 436 13.77 -16.73 0.25
C ASN A 436 12.72 -16.35 -0.76
N VAL A 437 11.86 -15.43 -0.34
CA VAL A 437 10.78 -14.91 -1.16
C VAL A 437 11.32 -14.42 -2.51
N THR A 438 10.77 -14.99 -3.57
CA THR A 438 11.27 -14.77 -4.92
C THR A 438 10.11 -14.36 -5.82
N ILE A 439 10.33 -13.27 -6.56
CA ILE A 439 9.30 -12.69 -7.42
C ILE A 439 9.80 -12.53 -8.84
N ARG A 440 8.87 -12.47 -9.79
CA ARG A 440 9.19 -12.26 -11.20
C ARG A 440 8.26 -11.25 -11.85
N PHE A 441 8.82 -10.43 -12.74
CA PHE A 441 8.03 -9.49 -13.53
C PHE A 441 8.63 -9.21 -14.90
N LYS A 442 7.83 -8.60 -15.77
CA LYS A 442 8.22 -8.27 -17.15
C LYS A 442 8.47 -6.76 -17.28
N THR A 443 9.58 -6.38 -17.88
CA THR A 443 9.88 -4.96 -18.07
C THR A 443 9.13 -4.38 -19.27
N ASN A 444 7.85 -4.06 -19.05
CA ASN A 444 6.92 -3.59 -20.09
C ASN A 444 6.50 -2.13 -19.90
N ASN A 445 7.25 -1.40 -19.09
CA ASN A 445 6.82 -0.11 -18.57
C ASN A 445 8.05 0.75 -18.27
N PRO A 446 8.52 1.51 -19.28
CA PRO A 446 9.72 2.36 -19.16
C PRO A 446 9.59 3.47 -18.11
N GLY A 447 10.60 3.58 -17.24
CA GLY A 447 10.68 4.65 -16.24
C GLY A 447 11.47 4.24 -15.00
N PRO A 448 11.89 5.21 -14.16
CA PRO A 448 12.40 4.87 -12.83
C PRO A 448 11.28 4.37 -11.92
N TRP A 449 11.50 3.25 -11.24
CA TRP A 449 10.48 2.64 -10.38
C TRP A 449 11.06 2.21 -9.04
N PHE A 450 10.42 2.63 -7.96
CA PHE A 450 10.86 2.32 -6.62
C PHE A 450 10.61 0.86 -6.26
N LEU A 451 11.56 0.25 -5.56
CA LEU A 451 11.36 -1.03 -4.90
C LEU A 451 11.83 -0.86 -3.45
N HIS A 452 10.91 -1.02 -2.51
CA HIS A 452 11.22 -0.70 -1.11
C HIS A 452 10.32 -1.46 -0.15
N CYS A 453 10.72 -1.48 1.12
CA CYS A 453 9.90 -2.02 2.19
C CYS A 453 8.79 -1.03 2.47
N HIS A 454 7.56 -1.52 2.58
CA HIS A 454 6.40 -0.65 2.75
C HIS A 454 6.07 -0.48 4.23
N ILE A 455 7.00 -0.85 5.10
CA ILE A 455 7.14 -0.21 6.40
C ILE A 455 7.81 1.16 6.26
N ASP A 456 7.02 2.22 6.40
CA ASP A 456 7.45 3.55 5.97
C ASP A 456 8.65 4.02 6.77
N PHE A 457 8.74 3.58 8.02
CA PHE A 457 9.87 3.93 8.88
C PHE A 457 11.18 3.34 8.38
N HIS A 458 11.08 2.20 7.70
CA HIS A 458 12.24 1.53 7.12
C HIS A 458 12.66 2.16 5.78
N LEU A 459 11.66 2.49 4.95
CA LEU A 459 11.91 3.23 3.71
C LEU A 459 12.65 4.53 4.02
N GLU A 460 12.18 5.24 5.04
CA GLU A 460 12.82 6.48 5.46
C GLU A 460 14.27 6.27 5.85
N ALA A 461 14.57 5.06 6.33
CA ALA A 461 15.91 4.74 6.80
C ALA A 461 16.72 4.02 5.71
N GLY A 462 16.22 4.10 4.48
CA GLY A 462 17.06 3.90 3.31
C GLY A 462 16.85 2.54 2.68
N PHE A 463 15.80 1.84 3.13
CA PHE A 463 15.57 0.46 2.72
C PHE A 463 14.92 0.39 1.34
N ALA A 464 15.68 0.77 0.31
CA ALA A 464 15.09 1.12 -0.98
C ALA A 464 16.12 0.98 -2.10
N VAL A 465 15.65 0.53 -3.26
CA VAL A 465 16.41 0.68 -4.51
C VAL A 465 15.52 1.27 -5.59
N VAL A 466 16.13 1.77 -6.66
CA VAL A 466 15.40 2.26 -7.82
C VAL A 466 15.73 1.37 -9.03
N PHE A 467 14.69 0.90 -9.72
CA PHE A 467 14.87 0.23 -11.01
C PHE A 467 14.71 1.25 -12.12
N ALA A 468 15.81 1.59 -12.79
CA ALA A 468 15.75 2.43 -13.98
C ALA A 468 15.51 1.53 -15.19
N GLN A 469 14.24 1.36 -15.51
CA GLN A 469 13.78 0.43 -16.53
C GLN A 469 13.75 1.08 -17.92
N ASP A 470 14.52 0.49 -18.83
CA ASP A 470 14.58 0.91 -20.24
C ASP A 470 14.90 2.40 -20.38
N ILE A 471 16.05 2.80 -19.83
CA ILE A 471 16.52 4.18 -19.87
C ILE A 471 16.37 4.84 -21.26
N PRO A 472 16.84 4.17 -22.34
CA PRO A 472 16.63 4.72 -23.68
C PRO A 472 15.26 5.35 -23.95
N ASP A 473 14.18 4.69 -23.54
CA ASP A 473 12.82 5.14 -23.87
C ASP A 473 12.09 5.93 -22.77
N VAL A 474 12.78 6.27 -21.68
CA VAL A 474 12.12 6.92 -20.56
C VAL A 474 11.55 8.31 -20.93
N ALA A 475 12.41 9.20 -21.40
CA ALA A 475 12.01 10.57 -21.74
C ALA A 475 10.86 10.62 -22.74
N SER A 476 10.96 9.80 -23.79
CA SER A 476 9.99 9.82 -24.88
C SER A 476 8.69 9.14 -24.51
N ALA A 477 8.76 8.13 -23.65
CA ALA A 477 7.55 7.40 -23.23
C ALA A 477 6.77 8.15 -22.16
N ASN A 478 7.45 9.01 -21.40
CA ASN A 478 6.82 9.73 -20.29
C ASN A 478 6.86 11.27 -20.43
N PRO A 479 6.19 11.82 -21.47
CA PRO A 479 6.16 13.28 -21.59
C PRO A 479 5.58 13.94 -20.34
N THR A 480 6.20 15.03 -19.91
CA THR A 480 5.84 15.67 -18.66
C THR A 480 5.21 17.06 -18.88
N PRO A 481 4.17 17.40 -18.10
CA PRO A 481 3.55 18.73 -18.20
C PRO A 481 4.37 19.78 -17.47
N ASN A 482 4.31 21.03 -17.95
CA ASN A 482 5.13 22.09 -17.38
C ASN A 482 4.98 22.21 -15.87
N ALA A 483 3.79 21.93 -15.36
CA ALA A 483 3.56 21.92 -13.92
C ALA A 483 4.55 20.99 -13.20
N TRP A 484 4.88 19.87 -13.85
CA TRP A 484 5.86 18.94 -13.30
C TRP A 484 7.27 19.53 -13.37
N SER A 485 7.61 20.09 -14.54
CA SER A 485 8.89 20.76 -14.75
C SER A 485 9.12 21.93 -13.79
N ASP A 486 8.03 22.58 -13.37
CA ASP A 486 8.10 23.71 -12.44
C ASP A 486 8.31 23.28 -10.99
N LEU A 487 7.96 22.03 -10.68
CA LEU A 487 7.96 21.53 -9.30
C LEU A 487 9.28 21.70 -8.56
N CYS A 488 10.37 21.32 -9.21
CA CYS A 488 11.69 21.35 -8.58
C CYS A 488 12.22 22.76 -8.30
N PRO A 489 12.22 23.65 -9.31
CA PRO A 489 12.68 25.02 -9.04
C PRO A 489 11.95 25.65 -7.85
N VAL A 490 10.63 25.46 -7.79
CA VAL A 490 9.78 26.01 -6.73
C VAL A 490 10.14 25.41 -5.37
N TYR A 491 10.27 24.08 -5.31
CA TYR A 491 10.60 23.40 -4.06
C TYR A 491 12.01 23.73 -3.57
N ASP A 492 12.96 23.78 -4.50
CA ASP A 492 14.36 24.06 -4.20
C ASP A 492 14.58 25.48 -3.68
N ALA A 493 13.70 26.39 -4.09
CA ALA A 493 13.75 27.79 -3.65
C ALA A 493 13.39 27.95 -2.17
N ALA A 494 12.66 26.97 -1.63
CA ALA A 494 12.10 27.05 -0.29
C ALA A 494 13.16 27.01 0.82
N SER A 495 12.94 27.84 1.84
CA SER A 495 13.77 27.83 3.04
C SER A 495 13.54 26.50 3.75
N SER A 496 14.53 26.04 4.52
CA SER A 496 14.47 24.73 5.16
C SER A 496 13.24 24.52 6.04
N SER A 497 12.85 25.55 6.79
CA SER A 497 11.73 25.46 7.74
C SER A 497 10.36 25.60 7.06
N SER A 498 10.36 25.82 5.76
CA SER A 498 9.12 25.86 4.97
C SER A 498 8.94 24.60 4.12
N GLN A 499 9.73 23.57 4.43
CA GLN A 499 9.73 22.31 3.66
C GLN A 499 8.79 21.26 4.25
#